data_4C0R
#
_entry.id   4C0R
#
_cell.length_a   37.040
_cell.length_b   103.120
_cell.length_c   64.090
_cell.angle_alpha   90.00
_cell.angle_beta   92.31
_cell.angle_gamma   90.00
#
_symmetry.space_group_name_H-M   'P 1 21 1'
#
loop_
_entity.id
_entity.type
_entity.pdbx_description
1 polymer 'PUTATIVE AMINO ACID BINDING PROTEIN'
2 non-polymer 'OXIDIZED GLUTATHIONE DISULFIDE'
3 non-polymer 'CADMIUM ION'
4 non-polymer 'CHLORIDE ION'
5 water water
#
_entity_poly.entity_id   1
_entity_poly.type   'polypeptide(L)'
_entity_poly.pdbx_seq_one_letter_code
;MDKTVTLATVGTTNPFSYEKKGKLTGYDIEVAKEVFKASDKYDVKYQKTEWTSIFSGLDSDKYQIGANNISYTKERANKY
LYSNPTASNPLVLVVPKDSDIKSYNDIAGHSTQVVQGNTTVPMLQKFNKNHENNQVKLNFTSEDLAHQIRNVSDGKYDFK
IFEKISAETIIKEQGLDNLKVIDLPSDQKPYVYFIFAQDQKDLQKFVNKRLKKLYENGTLEKLSKKYLGGSYLPDKKDMK
LEHHHHHH
;
_entity_poly.pdbx_strand_id   A,B
#
loop_
_chem_comp.id
_chem_comp.type
_chem_comp.name
_chem_comp.formula
CD non-polymer 'CADMIUM ION' 'Cd 2'
CL non-polymer 'CHLORIDE ION' 'Cl -1'
GDS non-polymer 'OXIDIZED GLUTATHIONE DISULFIDE' 'C20 H32 N6 O12 S2'
#
# COMPACT_ATOMS: atom_id res chain seq x y z
N MET A 1 -23.01 2.13 -25.00
CA MET A 1 -22.56 3.15 -23.99
C MET A 1 -21.15 3.64 -24.32
N ASP A 2 -20.76 4.74 -23.71
CA ASP A 2 -19.47 5.32 -24.01
C ASP A 2 -18.38 4.26 -23.74
N LYS A 3 -17.27 4.40 -24.45
CA LYS A 3 -16.12 3.56 -24.23
C LYS A 3 -15.55 3.82 -22.83
N THR A 4 -15.35 2.77 -22.04
CA THR A 4 -14.75 2.87 -20.69
C THR A 4 -13.25 2.86 -20.90
N VAL A 5 -12.58 3.88 -20.39
CA VAL A 5 -11.12 3.97 -20.41
C VAL A 5 -10.70 3.85 -18.96
N THR A 6 -9.78 2.95 -18.63
CA THR A 6 -9.30 2.88 -17.25
C THR A 6 -7.89 3.47 -17.14
N LEU A 7 -7.80 4.50 -16.30
CA LEU A 7 -6.52 5.13 -15.93
C LEU A 7 -6.03 4.48 -14.64
N ALA A 8 -4.84 3.90 -14.73
CA ALA A 8 -4.21 3.25 -13.57
C ALA A 8 -3.18 4.15 -12.90
N THR A 9 -3.22 4.18 -11.55
CA THR A 9 -2.33 4.99 -10.79
C THR A 9 -1.95 4.27 -9.52
N VAL A 10 -0.90 4.70 -8.82
CA VAL A 10 -0.58 4.08 -7.53
C VAL A 10 -1.30 4.84 -6.42
N GLY A 11 -1.37 6.16 -6.49
CA GLY A 11 -2.11 6.91 -5.50
C GLY A 11 -1.39 7.05 -4.16
N THR A 12 -0.06 6.90 -4.18
CA THR A 12 0.75 7.11 -2.99
C THR A 12 1.90 8.07 -3.18
N THR A 13 1.73 9.03 -4.10
CA THR A 13 2.76 9.97 -4.47
C THR A 13 2.24 11.41 -4.44
N ASN A 14 2.01 11.91 -3.26
CA ASN A 14 1.52 13.26 -3.09
C ASN A 14 2.57 14.22 -3.63
N PRO A 15 2.19 15.22 -4.45
CA PRO A 15 0.85 15.68 -4.83
C PRO A 15 0.40 15.30 -6.23
N PHE A 16 1.05 14.32 -6.84
CA PHE A 16 0.68 13.89 -8.18
C PHE A 16 -0.51 12.98 -8.18
N SER A 17 -0.52 12.09 -7.21
CA SER A 17 -1.54 11.05 -7.15
C SER A 17 -1.65 10.56 -5.71
N TYR A 18 -2.78 10.83 -5.08
CA TYR A 18 -2.96 10.52 -3.63
C TYR A 18 -4.46 10.55 -3.29
N GLU A 19 -4.82 10.04 -2.12
CA GLU A 19 -6.18 10.14 -1.68
C GLU A 19 -6.38 11.22 -0.63
N LYS A 20 -7.54 11.86 -0.74
CA LYS A 20 -8.04 12.80 0.27
C LYS A 20 -9.43 12.28 0.65
N LYS A 21 -9.61 12.00 1.93
CA LYS A 21 -10.86 11.40 2.40
C LYS A 21 -11.24 10.18 1.57
N GLY A 22 -10.25 9.38 1.22
CA GLY A 22 -10.50 8.19 0.43
C GLY A 22 -10.66 8.34 -1.06
N LYS A 23 -10.69 9.57 -1.56
CA LYS A 23 -10.93 9.77 -2.98
C LYS A 23 -9.63 10.19 -3.71
N LEU A 24 -9.40 9.62 -4.87
CA LEU A 24 -8.18 9.90 -5.66
C LEU A 24 -8.22 11.31 -6.16
N THR A 25 -7.09 12.00 -6.00
CA THR A 25 -6.88 13.34 -6.46
C THR A 25 -5.39 13.55 -6.71
N GLY A 26 -4.99 14.79 -6.88
CA GLY A 26 -3.61 15.10 -7.22
C GLY A 26 -3.51 15.52 -8.70
N TYR A 27 -2.38 16.09 -9.05
CA TYR A 27 -2.21 16.71 -10.35
C TYR A 27 -2.52 15.72 -11.47
N ASP A 28 -1.92 14.53 -11.46
CA ASP A 28 -2.14 13.63 -12.59
C ASP A 28 -3.65 13.36 -12.77
N ILE A 29 -4.33 13.15 -11.65
CA ILE A 29 -5.73 12.79 -11.67
C ILE A 29 -6.60 13.94 -12.10
N GLU A 30 -6.32 15.13 -11.57
CA GLU A 30 -7.15 16.26 -11.86
C GLU A 30 -6.89 16.78 -13.27
N VAL A 31 -5.65 16.68 -13.77
CA VAL A 31 -5.41 16.94 -15.17
C VAL A 31 -6.17 16.01 -16.08
N ALA A 32 -6.10 14.71 -15.78
CA ALA A 32 -6.87 13.77 -16.56
C ALA A 32 -8.38 14.11 -16.54
N LYS A 33 -8.93 14.40 -15.35
CA LYS A 33 -10.35 14.75 -15.26
C LYS A 33 -10.64 15.97 -16.12
N GLU A 34 -9.78 16.96 -16.08
CA GLU A 34 -10.02 18.16 -16.90
C GLU A 34 -9.92 17.84 -18.39
N VAL A 35 -8.95 17.05 -18.78
CA VAL A 35 -8.86 16.59 -20.17
C VAL A 35 -10.17 15.93 -20.64
N PHE A 36 -10.64 15.02 -19.86
CA PHE A 36 -11.78 14.20 -20.25
C PHE A 36 -13.16 14.87 -20.06
N LYS A 37 -13.21 16.03 -19.43
CA LYS A 37 -14.48 16.79 -19.33
C LYS A 37 -15.05 17.06 -20.69
N ALA A 38 -14.21 17.26 -21.71
CA ALA A 38 -14.68 17.72 -23.00
C ALA A 38 -14.88 16.56 -23.97
N SER A 39 -15.21 15.39 -23.48
CA SER A 39 -15.37 14.23 -24.35
C SER A 39 -16.74 13.65 -24.20
N ASP A 40 -17.42 13.36 -25.31
CA ASP A 40 -18.64 12.55 -25.35
C ASP A 40 -18.37 11.08 -25.56
N LYS A 41 -17.13 10.71 -25.82
CA LYS A 41 -16.77 9.37 -26.29
C LYS A 41 -16.23 8.53 -25.18
N TYR A 42 -15.39 9.13 -24.33
CA TYR A 42 -14.72 8.34 -23.29
C TYR A 42 -15.28 8.62 -21.89
N ASP A 43 -15.56 7.55 -21.16
CA ASP A 43 -15.88 7.64 -19.73
C ASP A 43 -14.72 6.99 -18.99
N VAL A 44 -14.03 7.77 -18.15
CA VAL A 44 -12.82 7.31 -17.50
C VAL A 44 -13.14 6.78 -16.11
N LYS A 45 -12.46 5.68 -15.81
CA LYS A 45 -12.42 5.05 -14.50
CA LYS A 45 -12.42 5.10 -14.48
C LYS A 45 -11.01 5.27 -13.96
N TYR A 46 -10.90 5.77 -12.74
CA TYR A 46 -9.62 6.02 -12.13
C TYR A 46 -9.38 4.91 -11.10
N GLN A 47 -8.35 4.09 -11.33
CA GLN A 47 -8.15 2.87 -10.56
C GLN A 47 -6.80 2.88 -9.87
N LYS A 48 -6.83 2.68 -8.55
CA LYS A 48 -5.60 2.54 -7.79
C LYS A 48 -5.14 1.09 -7.98
N THR A 49 -3.87 0.89 -8.22
CA THR A 49 -3.32 -0.42 -8.40
C THR A 49 -1.83 -0.40 -7.97
N GLU A 50 -1.16 -1.55 -7.98
CA GLU A 50 0.25 -1.54 -7.67
C GLU A 50 1.06 -0.94 -8.81
N TRP A 51 2.21 -0.35 -8.46
CA TRP A 51 3.07 0.24 -9.46
C TRP A 51 3.39 -0.72 -10.60
N THR A 52 3.78 -1.95 -10.25
CA THR A 52 4.19 -2.86 -11.33
C THR A 52 2.97 -3.25 -12.19
N SER A 53 1.80 -3.23 -11.58
CA SER A 53 0.56 -3.59 -12.27
C SER A 53 0.11 -2.52 -13.26
N ILE A 54 0.52 -1.27 -13.07
CA ILE A 54 0.22 -0.25 -14.08
C ILE A 54 0.77 -0.73 -15.39
N PHE A 55 2.04 -1.12 -15.36
CA PHE A 55 2.72 -1.48 -16.59
C PHE A 55 2.22 -2.83 -17.11
N SER A 56 2.01 -3.81 -16.25
CA SER A 56 1.56 -5.10 -16.80
C SER A 56 0.13 -5.00 -17.32
N GLY A 57 -0.68 -4.15 -16.73
CA GLY A 57 -2.03 -3.92 -17.19
C GLY A 57 -2.10 -3.15 -18.49
N LEU A 58 -1.16 -2.22 -18.68
CA LEU A 58 -1.08 -1.54 -19.95
C LEU A 58 -0.62 -2.54 -21.02
N ASP A 59 0.29 -3.45 -20.68
CA ASP A 59 0.73 -4.47 -21.65
C ASP A 59 -0.44 -5.33 -22.11
N SER A 60 -1.36 -5.65 -21.21
CA SER A 60 -2.46 -6.57 -21.54
C SER A 60 -3.74 -5.85 -22.00
N ASP A 61 -3.67 -4.53 -22.07
CA ASP A 61 -4.84 -3.69 -22.27
C ASP A 61 -5.98 -3.82 -21.26
N LYS A 62 -5.66 -4.30 -20.05
CA LYS A 62 -6.52 -4.16 -18.90
C LYS A 62 -6.65 -2.67 -18.59
N TYR A 63 -5.55 -1.93 -18.72
CA TYR A 63 -5.59 -0.49 -18.49
C TYR A 63 -5.24 0.21 -19.80
N GLN A 64 -5.73 1.44 -20.00
CA GLN A 64 -5.45 2.22 -21.20
C GLN A 64 -4.50 3.41 -20.95
N ILE A 65 -4.52 3.96 -19.73
CA ILE A 65 -3.69 5.13 -19.41
C ILE A 65 -3.01 4.81 -18.10
N GLY A 66 -1.75 5.24 -17.95
CA GLY A 66 -1.03 5.18 -16.69
C GLY A 66 -0.64 6.61 -16.31
N ALA A 67 -0.73 6.93 -15.04
CA ALA A 67 -0.40 8.27 -14.56
C ALA A 67 0.02 8.18 -13.12
N ASN A 68 1.24 8.54 -12.84
CA ASN A 68 1.78 8.61 -11.49
C ASN A 68 3.19 9.22 -11.54
N ASN A 69 3.30 10.50 -11.85
CA ASN A 69 4.63 11.18 -11.86
C ASN A 69 5.63 10.38 -12.74
N ILE A 70 5.17 9.94 -13.90
CA ILE A 70 5.96 9.03 -14.72
C ILE A 70 6.88 9.72 -15.68
N SER A 71 8.17 9.41 -15.60
CA SER A 71 9.19 9.94 -16.46
C SER A 71 9.26 9.22 -17.81
N TYR A 72 9.86 9.89 -18.79
CA TYR A 72 10.21 9.22 -20.04
C TYR A 72 11.45 8.35 -19.84
N THR A 73 11.40 7.10 -20.32
CA THR A 73 12.64 6.35 -20.56
C THR A 73 12.50 5.65 -21.86
N LYS A 74 13.64 5.40 -22.50
CA LYS A 74 13.61 4.60 -23.74
C LYS A 74 13.01 3.22 -23.53
N GLU A 75 13.28 2.60 -22.39
CA GLU A 75 12.73 1.26 -22.09
C GLU A 75 11.21 1.26 -22.05
N ARG A 76 10.62 2.33 -21.49
CA ARG A 76 9.18 2.43 -21.43
C ARG A 76 8.61 2.80 -22.82
N ALA A 77 9.29 3.68 -23.54
CA ALA A 77 8.78 4.13 -24.81
C ALA A 77 8.78 2.99 -25.81
N ASN A 78 9.62 2.00 -25.56
CA ASN A 78 9.62 0.79 -26.40
C ASN A 78 8.31 0.03 -26.30
N LYS A 79 7.54 0.27 -25.25
CA LYS A 79 6.35 -0.53 -24.96
C LYS A 79 5.05 0.29 -24.87
N TYR A 80 5.17 1.57 -24.55
CA TYR A 80 4.00 2.41 -24.28
C TYR A 80 4.02 3.67 -25.08
N LEU A 81 2.85 4.23 -25.38
CA LEU A 81 2.77 5.59 -25.94
C LEU A 81 2.89 6.63 -24.80
N TYR A 82 3.52 7.76 -25.13
CA TYR A 82 3.66 8.91 -24.22
C TYR A 82 2.78 10.09 -24.70
N SER A 83 2.13 10.76 -23.77
CA SER A 83 1.53 12.04 -24.07
C SER A 83 2.60 13.13 -24.19
N ASN A 84 2.17 14.34 -24.53
CA ASN A 84 3.01 15.48 -24.36
C ASN A 84 3.21 15.66 -22.85
N PRO A 85 4.30 16.30 -22.49
CA PRO A 85 4.61 16.38 -21.07
C PRO A 85 3.59 17.25 -20.34
N THR A 86 3.38 16.93 -19.07
CA THR A 86 2.44 17.70 -18.25
C THR A 86 3.09 18.51 -17.13
N ALA A 87 4.32 18.25 -16.77
CA ALA A 87 4.99 18.97 -15.71
C ALA A 87 6.47 18.71 -15.81
N SER A 88 7.25 19.59 -15.21
CA SER A 88 8.68 19.48 -15.07
C SER A 88 9.03 19.36 -13.61
N ASN A 89 9.80 18.34 -13.24
CA ASN A 89 9.95 17.96 -11.86
C ASN A 89 11.33 17.40 -11.60
N PRO A 90 12.31 18.28 -11.28
CA PRO A 90 13.67 17.81 -11.20
C PRO A 90 13.97 17.03 -9.94
N LEU A 91 15.08 16.28 -9.97
CA LEU A 91 15.41 15.45 -8.85
C LEU A 91 16.13 16.20 -7.76
N VAL A 92 15.92 15.71 -6.55
CA VAL A 92 16.67 16.15 -5.38
C VAL A 92 17.17 14.94 -4.53
N LEU A 93 18.19 15.22 -3.73
CA LEU A 93 18.69 14.36 -2.74
C LEU A 93 18.10 14.84 -1.41
N VAL A 94 17.39 13.97 -0.71
CA VAL A 94 16.83 14.24 0.58
C VAL A 94 17.76 13.64 1.64
N VAL A 95 18.25 14.48 2.53
CA VAL A 95 19.19 14.09 3.57
C VAL A 95 18.88 14.89 4.83
N PRO A 96 19.36 14.39 5.97
CA PRO A 96 19.25 15.18 7.19
C PRO A 96 19.99 16.49 7.03
N LYS A 97 19.49 17.54 7.68
CA LYS A 97 20.16 18.80 7.62
C LYS A 97 21.59 18.57 8.16
N ASP A 98 22.51 19.26 7.56
CA ASP A 98 23.91 19.17 7.94
C ASP A 98 24.56 17.83 7.75
N SER A 99 23.93 16.95 6.98
CA SER A 99 24.60 15.68 6.68
C SER A 99 25.94 15.95 6.02
N ASP A 100 26.85 14.94 6.07
CA ASP A 100 28.07 14.90 5.17
C ASP A 100 27.70 14.82 3.70
N ILE A 101 26.46 14.48 3.40
CA ILE A 101 26.09 14.31 2.01
C ILE A 101 25.66 15.66 1.47
N LYS A 102 26.49 16.28 0.62
CA LYS A 102 26.27 17.62 0.12
C LYS A 102 26.15 17.71 -1.40
N SER A 103 26.69 16.70 -2.08
CA SER A 103 26.64 16.60 -3.53
C SER A 103 26.43 15.16 -3.91
N TYR A 104 25.97 14.93 -5.14
CA TYR A 104 25.62 13.60 -5.58
C TYR A 104 26.67 12.56 -5.23
N ASN A 105 27.93 12.84 -5.51
CA ASN A 105 28.94 11.78 -5.34
C ASN A 105 29.15 11.37 -3.90
N ASP A 106 28.73 12.21 -2.96
CA ASP A 106 28.87 11.95 -1.55
C ASP A 106 27.97 10.79 -1.10
N ILE A 107 27.04 10.31 -1.96
CA ILE A 107 26.18 9.21 -1.58
C ILE A 107 26.98 7.92 -1.53
N ALA A 108 28.17 7.96 -2.12
CA ALA A 108 28.98 6.72 -2.18
C ALA A 108 29.16 6.16 -0.76
N GLY A 109 28.94 4.86 -0.63
CA GLY A 109 29.06 4.18 0.64
C GLY A 109 27.88 4.25 1.60
N HIS A 110 26.86 5.03 1.23
CA HIS A 110 25.71 5.23 2.07
C HIS A 110 24.51 4.34 1.64
N SER A 111 23.50 4.30 2.49
CA SER A 111 22.36 3.41 2.32
CA SER A 111 22.38 3.39 2.28
C SER A 111 21.13 4.19 1.92
N THR A 112 20.33 3.60 1.03
CA THR A 112 19.10 4.20 0.56
C THR A 112 18.08 3.09 0.30
N GLN A 113 16.83 3.49 0.23
CA GLN A 113 15.75 2.64 -0.17
C GLN A 113 15.34 2.99 -1.60
N VAL A 114 14.99 1.96 -2.34
CA VAL A 114 14.49 2.12 -3.73
C VAL A 114 13.34 1.16 -3.98
N VAL A 115 12.56 1.50 -5.00
CA VAL A 115 11.44 0.67 -5.44
C VAL A 115 11.65 0.23 -6.88
N GLN A 116 11.68 -1.10 -7.11
CA GLN A 116 11.91 -1.64 -8.44
C GLN A 116 11.05 -0.97 -9.51
N GLY A 117 11.68 -0.68 -10.63
CA GLY A 117 11.01 -0.15 -11.80
C GLY A 117 10.94 1.37 -11.77
N ASN A 118 11.37 2.02 -10.67
CA ASN A 118 11.42 3.48 -10.69
C ASN A 118 12.77 3.95 -11.25
N THR A 119 12.81 5.15 -11.82
CA THR A 119 13.96 5.57 -12.59
C THR A 119 15.21 5.77 -11.75
N THR A 120 15.07 5.96 -10.45
CA THR A 120 16.26 6.11 -9.61
C THR A 120 17.01 4.78 -9.46
N VAL A 121 16.34 3.66 -9.75
CA VAL A 121 17.05 2.39 -9.62
C VAL A 121 18.18 2.26 -10.64
N PRO A 122 17.90 2.36 -11.96
CA PRO A 122 19.01 2.29 -12.90
C PRO A 122 20.01 3.45 -12.73
N MET A 123 19.54 4.59 -12.23
CA MET A 123 20.42 5.69 -11.94
C MET A 123 21.46 5.29 -10.91
N LEU A 124 21.02 4.66 -9.83
CA LEU A 124 21.91 4.31 -8.74
C LEU A 124 22.76 3.10 -9.15
N GLN A 125 22.18 2.26 -9.99
CA GLN A 125 22.98 1.09 -10.46
C GLN A 125 24.13 1.57 -11.32
N LYS A 126 23.89 2.58 -12.15
CA LYS A 126 24.96 3.21 -12.93
C LYS A 126 25.99 3.85 -12.05
N PHE A 127 25.54 4.52 -11.00
CA PHE A 127 26.46 5.15 -10.09
C PHE A 127 27.36 4.07 -9.48
N ASN A 128 26.79 2.92 -9.16
CA ASN A 128 27.59 1.91 -8.52
C ASN A 128 28.61 1.31 -9.48
N LYS A 129 28.27 1.20 -10.76
CA LYS A 129 29.27 0.76 -11.74
C LYS A 129 30.47 1.70 -11.77
N ASN A 130 30.24 3.00 -11.51
CA ASN A 130 31.30 4.03 -11.48
C ASN A 130 32.01 4.16 -10.17
N HIS A 131 31.46 3.59 -9.12
CA HIS A 131 32.03 3.70 -7.79
C HIS A 131 32.03 2.34 -7.15
N GLU A 132 32.65 1.36 -7.81
CA GLU A 132 32.48 -0.03 -7.38
C GLU A 132 33.14 -0.35 -6.05
N ASN A 133 34.12 0.44 -5.66
CA ASN A 133 34.75 0.25 -4.38
C ASN A 133 34.10 1.04 -3.26
N ASN A 134 33.04 1.78 -3.56
CA ASN A 134 32.37 2.56 -2.52
C ASN A 134 30.90 2.70 -2.98
N GLN A 135 30.25 1.57 -3.18
CA GLN A 135 28.88 1.56 -3.70
C GLN A 135 27.86 2.02 -2.67
N VAL A 136 26.76 2.55 -3.21
CA VAL A 136 25.57 2.81 -2.46
C VAL A 136 24.93 1.47 -2.16
N LYS A 137 24.50 1.30 -0.93
CA LYS A 137 23.80 0.13 -0.51
C LYS A 137 22.32 0.32 -0.87
N LEU A 138 21.82 -0.44 -1.85
CA LEU A 138 20.43 -0.32 -2.29
C LEU A 138 19.55 -1.29 -1.55
N ASN A 139 18.55 -0.78 -0.85
CA ASN A 139 17.60 -1.59 -0.14
C ASN A 139 16.26 -1.48 -0.82
N PHE A 140 15.92 -2.52 -1.56
CA PHE A 140 14.66 -2.57 -2.28
C PHE A 140 13.54 -2.72 -1.26
N THR A 141 12.48 -1.92 -1.41
CA THR A 141 11.39 -1.89 -0.47
C THR A 141 10.08 -1.91 -1.25
N SER A 142 9.00 -2.23 -0.54
CA SER A 142 7.68 -2.14 -1.14
CA SER A 142 7.66 -2.13 -1.12
C SER A 142 6.90 -1.03 -0.44
N GLU A 143 7.58 -0.24 0.36
CA GLU A 143 6.91 0.79 1.13
C GLU A 143 6.88 2.12 0.38
N ASP A 144 5.96 2.98 0.77
CA ASP A 144 5.71 4.16 -0.05
C ASP A 144 6.69 5.29 0.23
N LEU A 145 6.65 6.30 -0.62
CA LEU A 145 7.64 7.36 -0.60
C LEU A 145 7.68 8.08 0.72
N ALA A 146 6.53 8.45 1.26
CA ALA A 146 6.53 9.16 2.54
C ALA A 146 7.20 8.30 3.62
N HIS A 147 6.95 6.99 3.58
CA HIS A 147 7.51 6.04 4.53
C HIS A 147 9.04 6.11 4.42
N GLN A 148 9.54 6.14 3.19
CA GLN A 148 10.98 6.13 2.97
C GLN A 148 11.58 7.44 3.41
N ILE A 149 10.90 8.55 3.13
CA ILE A 149 11.39 9.86 3.55
C ILE A 149 11.44 9.96 5.08
N ARG A 150 10.37 9.52 5.73
N ARG A 150 10.37 9.52 5.73
CA ARG A 150 10.39 9.46 7.20
CA ARG A 150 10.37 9.43 7.18
C ARG A 150 11.53 8.57 7.73
C ARG A 150 11.53 8.57 7.73
N ASN A 151 11.83 7.46 7.06
CA ASN A 151 12.95 6.58 7.48
C ASN A 151 14.29 7.31 7.43
N VAL A 152 14.45 8.24 6.49
CA VAL A 152 15.69 9.02 6.46
C VAL A 152 15.69 9.97 7.69
N SER A 153 14.57 10.63 7.94
CA SER A 153 14.43 11.51 9.09
C SER A 153 14.79 10.75 10.37
N ASP A 154 14.37 9.49 10.46
CA ASP A 154 14.59 8.69 11.67
C ASP A 154 15.96 8.04 11.74
N GLY A 155 16.76 8.20 10.69
CA GLY A 155 18.07 7.60 10.64
C GLY A 155 18.19 6.17 10.22
N LYS A 156 17.12 5.57 9.69
CA LYS A 156 17.20 4.20 9.29
C LYS A 156 17.96 3.99 8.01
N TYR A 157 17.89 5.02 7.17
CA TYR A 157 18.62 5.04 5.91
C TYR A 157 19.20 6.43 5.78
N ASP A 158 20.21 6.60 4.94
CA ASP A 158 20.99 7.81 4.95
C ASP A 158 20.51 8.94 4.03
N PHE A 159 19.86 8.58 2.92
CA PHE A 159 19.40 9.56 1.97
C PHE A 159 18.28 8.96 1.15
N LYS A 160 17.53 9.82 0.44
CA LYS A 160 16.56 9.34 -0.57
C LYS A 160 16.58 10.33 -1.76
N ILE A 161 16.74 9.79 -2.95
CA ILE A 161 16.66 10.57 -4.18
C ILE A 161 15.24 10.45 -4.78
N PHE A 162 14.61 11.59 -5.01
CA PHE A 162 13.30 11.59 -5.63
C PHE A 162 13.03 12.93 -6.27
N GLU A 163 11.94 13.04 -7.03
CA GLU A 163 11.51 14.34 -7.57
C GLU A 163 11.27 15.37 -6.45
N LYS A 164 11.65 16.63 -6.73
CA LYS A 164 11.55 17.72 -5.81
C LYS A 164 10.15 18.00 -5.33
N ILE A 165 9.16 18.01 -6.23
CA ILE A 165 7.84 18.46 -5.84
C ILE A 165 7.27 17.54 -4.73
N SER A 166 7.37 16.22 -4.88
CA SER A 166 6.90 15.34 -3.83
C SER A 166 7.77 15.41 -2.59
N ALA A 167 9.10 15.47 -2.79
CA ALA A 167 9.99 15.53 -1.62
C ALA A 167 9.63 16.72 -0.73
N GLU A 168 9.53 17.88 -1.34
CA GLU A 168 9.26 19.11 -0.61
C GLU A 168 7.89 19.08 0.01
N THR A 169 6.92 18.58 -0.74
CA THR A 169 5.55 18.51 -0.24
C THR A 169 5.44 17.65 1.01
N ILE A 170 6.03 16.48 0.97
CA ILE A 170 5.99 15.52 2.09
C ILE A 170 6.74 16.06 3.29
N ILE A 171 7.95 16.62 3.08
CA ILE A 171 8.70 17.15 4.19
C ILE A 171 7.94 18.25 4.87
N LYS A 172 7.23 19.08 4.10
CA LYS A 172 6.48 20.21 4.68
C LYS A 172 5.24 19.71 5.41
N GLU A 173 4.42 18.93 4.72
CA GLU A 173 3.15 18.44 5.26
C GLU A 173 3.32 17.49 6.45
N GLN A 174 4.39 16.69 6.48
CA GLN A 174 4.63 15.76 7.59
C GLN A 174 5.55 16.35 8.66
N GLY A 175 5.96 17.60 8.49
CA GLY A 175 6.70 18.31 9.51
C GLY A 175 8.06 17.67 9.81
N LEU A 176 8.70 17.14 8.77
CA LEU A 176 10.00 16.52 8.91
C LEU A 176 11.11 17.57 8.87
N ASP A 177 11.20 18.34 9.97
CA ASP A 177 12.00 19.56 9.99
C ASP A 177 13.48 19.30 10.15
N ASN A 178 13.88 18.06 10.24
CA ASN A 178 15.30 17.77 10.30
C ASN A 178 15.86 17.36 8.94
N LEU A 179 15.04 17.48 7.89
CA LEU A 179 15.47 17.11 6.54
C LEU A 179 15.61 18.31 5.66
N LYS A 180 16.47 18.18 4.66
CA LYS A 180 16.57 19.18 3.63
C LYS A 180 16.65 18.49 2.26
N VAL A 181 16.53 19.30 1.21
CA VAL A 181 16.68 18.84 -0.12
C VAL A 181 17.84 19.56 -0.80
N ILE A 182 18.56 18.77 -1.61
CA ILE A 182 19.67 19.24 -2.40
C ILE A 182 19.33 19.00 -3.87
N ASP A 183 19.40 20.04 -4.69
CA ASP A 183 19.16 19.89 -6.13
C ASP A 183 20.24 19.10 -6.79
N LEU A 184 19.85 18.19 -7.67
CA LEU A 184 20.72 17.33 -8.44
C LEU A 184 20.74 17.72 -9.91
N PRO A 185 21.81 17.34 -10.59
CA PRO A 185 21.83 17.57 -12.06
C PRO A 185 20.70 16.85 -12.77
N SER A 186 20.23 17.38 -13.91
CA SER A 186 19.23 16.67 -14.74
C SER A 186 19.89 16.28 -16.06
N ASP A 187 19.88 15.00 -16.44
CA ASP A 187 20.50 14.57 -17.71
C ASP A 187 19.72 15.07 -18.93
N GLN A 188 18.41 15.24 -18.74
CA GLN A 188 17.50 15.70 -19.77
C GLN A 188 16.43 16.49 -19.04
N LYS A 189 15.59 17.22 -19.76
CA LYS A 189 14.50 17.92 -19.06
C LYS A 189 13.67 16.89 -18.29
N PRO A 190 13.38 17.19 -17.02
CA PRO A 190 12.80 16.17 -16.12
C PRO A 190 11.26 16.15 -16.18
N TYR A 191 10.75 15.86 -17.36
CA TYR A 191 9.35 15.95 -17.59
C TYR A 191 8.62 14.71 -17.07
N VAL A 192 7.33 14.87 -16.80
CA VAL A 192 6.52 13.70 -16.49
C VAL A 192 5.30 13.73 -17.42
N TYR A 193 4.65 12.59 -17.58
CA TYR A 193 3.76 12.35 -18.71
C TYR A 193 2.66 11.39 -18.35
N PHE A 194 1.61 11.35 -19.15
CA PHE A 194 0.71 10.20 -19.19
C PHE A 194 1.32 9.19 -20.13
N ILE A 195 1.11 7.90 -19.85
CA ILE A 195 1.46 6.88 -20.80
C ILE A 195 0.22 6.07 -21.18
N PHE A 196 0.30 5.39 -22.32
CA PHE A 196 -0.86 4.68 -22.82
C PHE A 196 -0.46 3.29 -23.32
N ALA A 197 -1.44 2.41 -23.32
CA ALA A 197 -1.28 1.11 -23.98
C ALA A 197 -0.97 1.39 -25.44
N GLN A 198 -0.15 0.52 -26.03
CA GLN A 198 0.42 0.85 -27.32
C GLN A 198 -0.61 0.95 -28.44
N ASP A 199 -1.75 0.29 -28.30
CA ASP A 199 -2.78 0.36 -29.31
C ASP A 199 -3.74 1.55 -29.16
N GLN A 200 -3.45 2.43 -28.22
CA GLN A 200 -4.39 3.53 -27.94
C GLN A 200 -4.00 4.85 -28.59
N LYS A 201 -3.67 4.84 -29.87
CA LYS A 201 -3.29 6.02 -30.60
C LYS A 201 -4.36 7.13 -30.59
N ASP A 202 -5.64 6.76 -30.76
CA ASP A 202 -6.67 7.77 -30.85
C ASP A 202 -6.83 8.46 -29.49
N LEU A 203 -6.73 7.66 -28.42
CA LEU A 203 -6.79 8.23 -27.09
C LEU A 203 -5.64 9.20 -26.83
N GLN A 204 -4.44 8.79 -27.21
CA GLN A 204 -3.27 9.62 -27.08
C GLN A 204 -3.45 10.97 -27.80
N LYS A 205 -3.95 10.91 -29.04
CA LYS A 205 -4.22 12.10 -29.81
C LYS A 205 -5.19 13.01 -29.14
N PHE A 206 -6.26 12.43 -28.61
CA PHE A 206 -7.24 13.23 -27.91
C PHE A 206 -6.62 13.91 -26.71
N VAL A 207 -5.92 13.14 -25.89
CA VAL A 207 -5.30 13.73 -24.71
C VAL A 207 -4.31 14.86 -25.10
N ASN A 208 -3.52 14.64 -26.13
CA ASN A 208 -2.55 15.66 -26.51
C ASN A 208 -3.25 16.94 -27.01
N LYS A 209 -4.32 16.80 -27.81
CA LYS A 209 -5.06 17.94 -28.29
C LYS A 209 -5.58 18.76 -27.09
N ARG A 210 -6.13 18.05 -26.10
CA ARG A 210 -6.62 18.71 -24.89
C ARG A 210 -5.49 19.40 -24.11
N LEU A 211 -4.36 18.72 -23.93
CA LEU A 211 -3.28 19.31 -23.18
C LEU A 211 -2.81 20.61 -23.83
N LYS A 212 -2.82 20.65 -25.16
CA LYS A 212 -2.34 21.88 -25.86
C LYS A 212 -3.35 22.96 -25.59
N LYS A 213 -4.63 22.62 -25.64
CA LYS A 213 -5.67 23.61 -25.40
C LYS A 213 -5.61 24.15 -23.97
N LEU A 214 -5.42 23.24 -23.01
CA LEU A 214 -5.41 23.59 -21.61
C LEU A 214 -4.14 24.35 -21.24
N TYR A 215 -3.05 24.05 -21.95
CA TYR A 215 -1.82 24.79 -21.76
C TYR A 215 -2.02 26.22 -22.23
N GLU A 216 -2.57 26.34 -23.43
CA GLU A 216 -2.70 27.66 -24.08
C GLU A 216 -3.66 28.57 -23.36
N ASN A 217 -4.70 28.03 -22.74
CA ASN A 217 -5.73 28.87 -22.17
C ASN A 217 -5.59 29.11 -20.69
N GLY A 218 -4.49 28.64 -20.12
CA GLY A 218 -4.17 28.91 -18.73
C GLY A 218 -4.64 27.86 -17.75
N THR A 219 -5.45 26.88 -18.20
CA THR A 219 -5.97 25.90 -17.26
C THR A 219 -4.89 24.99 -16.65
N LEU A 220 -3.94 24.56 -17.48
CA LEU A 220 -2.91 23.68 -16.99
C LEU A 220 -2.09 24.36 -15.89
N GLU A 221 -1.79 25.65 -16.12
CA GLU A 221 -1.06 26.41 -15.11
C GLU A 221 -1.89 26.52 -13.81
N LYS A 222 -3.19 26.75 -13.94
CA LYS A 222 -4.05 26.80 -12.78
C LYS A 222 -4.01 25.51 -11.97
N LEU A 223 -4.01 24.37 -12.68
CA LEU A 223 -3.95 23.08 -12.04
C LEU A 223 -2.58 22.81 -11.39
N SER A 224 -1.51 23.23 -12.05
CA SER A 224 -0.16 23.08 -11.50
C SER A 224 -0.12 23.88 -10.19
N LYS A 225 -0.61 25.13 -10.24
CA LYS A 225 -0.52 25.92 -9.00
C LYS A 225 -1.35 25.27 -7.87
N LYS A 226 -2.54 24.84 -8.20
CA LYS A 226 -3.50 24.34 -7.21
C LYS A 226 -3.06 23.05 -6.57
N TYR A 227 -2.62 22.11 -7.42
CA TYR A 227 -2.24 20.78 -6.94
C TYR A 227 -0.75 20.60 -6.67
N LEU A 228 0.13 21.21 -7.47
CA LEU A 228 1.57 21.10 -7.29
C LEU A 228 2.19 22.16 -6.38
N GLY A 229 1.49 23.27 -6.20
CA GLY A 229 1.94 24.36 -5.34
C GLY A 229 2.84 25.40 -6.00
N GLY A 230 2.87 25.41 -7.32
CA GLY A 230 3.65 26.34 -8.08
C GLY A 230 3.46 26.09 -9.56
N SER A 231 4.12 26.89 -10.38
CA SER A 231 3.99 26.80 -11.82
C SER A 231 5.16 25.97 -12.35
N TYR A 232 4.86 24.70 -12.69
CA TYR A 232 5.88 23.75 -13.06
C TYR A 232 5.57 23.12 -14.41
N LEU A 233 5.10 23.90 -15.35
CA LEU A 233 4.77 23.34 -16.66
C LEU A 233 6.01 23.13 -17.51
N PRO A 234 5.89 22.24 -18.47
CA PRO A 234 6.94 22.07 -19.44
C PRO A 234 7.11 23.35 -20.29
N ASP A 235 8.23 23.43 -20.99
CA ASP A 235 8.44 24.54 -21.90
C ASP A 235 7.43 24.50 -23.05
N LYS A 236 6.95 25.70 -23.45
CA LYS A 236 6.02 25.85 -24.53
C LYS A 236 6.38 25.07 -25.80
N LYS A 237 7.63 25.13 -26.22
CA LYS A 237 7.98 24.48 -27.47
C LYS A 237 7.90 22.96 -27.36
N ASP A 238 7.92 22.44 -26.14
CA ASP A 238 7.84 21.00 -25.96
C ASP A 238 6.39 20.53 -25.93
N MET A 239 5.43 21.43 -26.11
CA MET A 239 4.03 21.04 -26.09
C MET A 239 3.45 20.89 -27.50
N LYS B 3 20.68 -12.47 18.50
CA LYS B 3 20.20 -12.85 17.18
C LYS B 3 19.23 -11.77 16.72
N THR B 4 19.48 -11.25 15.53
CA THR B 4 18.52 -10.36 14.91
C THR B 4 17.39 -11.21 14.33
N VAL B 5 16.18 -10.81 14.67
CA VAL B 5 14.96 -11.49 14.32
C VAL B 5 14.10 -10.44 13.62
N THR B 6 13.54 -10.77 12.46
CA THR B 6 12.66 -9.83 11.81
C THR B 6 11.21 -10.30 11.82
N LEU B 7 10.34 -9.45 12.38
CA LEU B 7 8.89 -9.64 12.32
C LEU B 7 8.32 -8.86 11.16
N ALA B 8 7.61 -9.56 10.29
CA ALA B 8 7.03 -8.96 9.08
C ALA B 8 5.52 -8.82 9.25
N THR B 9 5.03 -7.67 8.83
CA THR B 9 3.62 -7.31 8.95
C THR B 9 3.21 -6.50 7.74
N VAL B 10 1.92 -6.37 7.50
CA VAL B 10 1.46 -5.53 6.37
C VAL B 10 1.27 -4.09 6.81
N GLY B 11 0.70 -3.90 7.98
CA GLY B 11 0.50 -2.55 8.50
C GLY B 11 -0.65 -1.78 7.92
N THR B 12 -1.62 -2.47 7.30
CA THR B 12 -2.83 -1.85 6.75
C THR B 12 -4.11 -2.49 7.23
N THR B 13 -4.06 -2.99 8.48
CA THR B 13 -5.21 -3.68 9.07
C THR B 13 -5.45 -3.17 10.49
N ASN B 14 -5.92 -1.92 10.57
CA ASN B 14 -6.32 -1.28 11.84
C ASN B 14 -7.39 -2.15 12.49
N PRO B 15 -7.25 -2.47 13.80
CA PRO B 15 -6.28 -2.05 14.79
C PRO B 15 -5.22 -3.10 15.16
N PHE B 16 -5.01 -4.10 14.31
CA PHE B 16 -4.02 -5.14 14.58
C PHE B 16 -2.64 -4.68 14.20
N SER B 17 -2.57 -4.04 13.04
CA SER B 17 -1.28 -3.60 12.52
C SER B 17 -1.51 -2.39 11.62
N TYR B 18 -1.02 -1.22 12.05
CA TYR B 18 -1.32 -0.02 11.29
C TYR B 18 -0.38 1.09 11.72
N GLU B 19 -0.42 2.23 11.04
CA GLU B 19 0.44 3.34 11.45
C GLU B 19 -0.40 4.48 12.05
N LYS B 20 0.17 5.08 13.09
CA LYS B 20 -0.33 6.27 13.75
C LYS B 20 0.77 7.33 13.60
N LYS B 21 0.49 8.37 12.85
CA LYS B 21 1.46 9.45 12.67
C LYS B 21 2.75 8.85 12.16
N GLY B 22 2.63 7.87 11.28
CA GLY B 22 3.79 7.26 10.68
C GLY B 22 4.48 6.14 11.45
N LYS B 23 4.07 5.93 12.70
CA LYS B 23 4.67 4.91 13.54
C LYS B 23 3.85 3.59 13.52
N LEU B 24 4.55 2.50 13.25
CA LEU B 24 3.88 1.18 13.18
C LEU B 24 3.42 0.77 14.60
N THR B 25 2.14 0.41 14.76
CA THR B 25 1.62 0.04 16.08
C THR B 25 0.45 -0.91 15.83
N GLY B 26 -0.47 -1.03 16.78
CA GLY B 26 -1.58 -1.96 16.70
C GLY B 26 -1.34 -3.15 17.61
N TYR B 27 -2.42 -3.89 17.87
CA TYR B 27 -2.33 -5.02 18.80
C TYR B 27 -1.19 -6.00 18.50
N ASP B 28 -1.09 -6.50 17.26
CA ASP B 28 -0.03 -7.45 16.98
C ASP B 28 1.35 -6.91 17.35
N ILE B 29 1.60 -5.67 16.96
CA ILE B 29 2.91 -5.07 17.12
C ILE B 29 3.19 -4.79 18.58
N GLU B 30 2.19 -4.30 19.31
CA GLU B 30 2.44 -3.97 20.69
C GLU B 30 2.53 -5.21 21.59
N VAL B 31 1.75 -6.26 21.28
CA VAL B 31 1.94 -7.54 21.94
C VAL B 31 3.37 -8.05 21.71
N ALA B 32 3.84 -8.02 20.46
CA ALA B 32 5.22 -8.45 20.17
C ALA B 32 6.25 -7.68 20.97
N LYS B 33 6.07 -6.37 21.01
CA LYS B 33 7.05 -5.54 21.71
C LYS B 33 7.03 -5.89 23.19
N GLU B 34 5.86 -6.12 23.78
CA GLU B 34 5.79 -6.51 25.20
C GLU B 34 6.39 -7.90 25.41
N VAL B 35 6.21 -8.82 24.45
CA VAL B 35 6.84 -10.11 24.55
C VAL B 35 8.36 -10.00 24.61
N PHE B 36 8.91 -9.20 23.70
CA PHE B 36 10.34 -9.20 23.48
C PHE B 36 11.12 -8.29 24.38
N LYS B 37 10.43 -7.47 25.14
CA LYS B 37 11.16 -6.56 26.02
C LYS B 37 11.92 -7.39 27.05
N ALA B 38 11.44 -8.59 27.40
CA ALA B 38 12.12 -9.45 28.38
C ALA B 38 13.21 -10.40 27.86
N SER B 39 13.67 -10.20 26.65
CA SER B 39 14.55 -11.18 25.98
C SER B 39 15.95 -10.62 25.90
N ASP B 40 16.97 -11.40 26.26
CA ASP B 40 18.36 -11.00 25.98
C ASP B 40 18.87 -11.57 24.66
N LYS B 41 18.14 -12.55 24.12
CA LYS B 41 18.59 -13.33 22.98
C LYS B 41 18.15 -12.73 21.64
N TYR B 42 17.00 -12.10 21.62
CA TYR B 42 16.45 -11.65 20.36
C TYR B 42 16.41 -10.15 20.24
N ASP B 43 16.93 -9.64 19.14
CA ASP B 43 16.79 -8.23 18.80
C ASP B 43 15.83 -8.12 17.62
N VAL B 44 14.62 -7.69 17.88
CA VAL B 44 13.56 -7.76 16.88
C VAL B 44 13.47 -6.49 16.06
N LYS B 45 13.40 -6.68 14.74
CA LYS B 45 13.13 -5.61 13.79
C LYS B 45 11.71 -5.76 13.24
N TYR B 46 10.94 -4.68 13.21
CA TYR B 46 9.55 -4.68 12.78
C TYR B 46 9.48 -4.08 11.38
N GLN B 47 9.11 -4.90 10.41
CA GLN B 47 9.25 -4.54 9.01
C GLN B 47 7.93 -4.63 8.28
N LYS B 48 7.45 -3.52 7.73
CA LYS B 48 6.29 -3.54 6.87
C LYS B 48 6.67 -4.09 5.51
N THR B 49 5.84 -4.98 5.01
CA THR B 49 6.08 -5.59 3.70
C THR B 49 4.73 -5.96 3.08
N GLU B 50 4.78 -6.53 1.89
CA GLU B 50 3.61 -6.98 1.20
C GLU B 50 3.12 -8.26 1.88
N TRP B 51 1.81 -8.42 1.85
CA TRP B 51 1.16 -9.62 2.38
C TRP B 51 1.79 -10.90 1.85
N THR B 52 1.89 -11.00 0.53
CA THR B 52 2.46 -12.24 0.01
C THR B 52 3.94 -12.42 0.43
N SER B 53 4.64 -11.31 0.62
CA SER B 53 6.03 -11.34 1.01
C SER B 53 6.23 -11.79 2.46
N ILE B 54 5.25 -11.61 3.32
CA ILE B 54 5.38 -12.20 4.64
C ILE B 54 5.65 -13.72 4.50
N PHE B 55 4.82 -14.38 3.72
CA PHE B 55 4.86 -15.82 3.62
C PHE B 55 6.10 -16.25 2.83
N SER B 56 6.41 -15.59 1.70
CA SER B 56 7.60 -16.01 0.94
C SER B 56 8.85 -15.76 1.74
N GLY B 57 8.82 -14.71 2.55
CA GLY B 57 9.98 -14.38 3.36
C GLY B 57 10.17 -15.32 4.54
N LEU B 58 9.07 -15.79 5.13
CA LEU B 58 9.19 -16.83 6.14
C LEU B 58 9.72 -18.12 5.49
N ASP B 59 9.31 -18.38 4.26
CA ASP B 59 9.75 -19.57 3.51
C ASP B 59 11.26 -19.58 3.35
N SER B 60 11.83 -18.42 3.08
CA SER B 60 13.25 -18.37 2.76
C SER B 60 14.07 -17.97 3.96
N ASP B 61 13.43 -17.83 5.12
CA ASP B 61 14.11 -17.34 6.32
C ASP B 61 14.66 -15.90 6.25
N LYS B 62 14.11 -15.09 5.35
CA LYS B 62 14.36 -13.68 5.34
C LYS B 62 13.66 -13.07 6.57
N TYR B 63 12.52 -13.65 6.91
CA TYR B 63 11.79 -13.20 8.09
C TYR B 63 11.60 -14.40 9.01
N GLN B 64 11.44 -14.12 10.30
CA GLN B 64 11.32 -15.14 11.32
C GLN B 64 9.95 -15.20 11.96
N ILE B 65 9.25 -14.07 12.00
CA ILE B 65 7.93 -13.98 12.58
C ILE B 65 7.04 -13.23 11.60
N GLY B 66 5.78 -13.68 11.48
CA GLY B 66 4.73 -12.99 10.78
C GLY B 66 3.59 -12.63 11.72
N ALA B 67 3.07 -11.41 11.60
CA ALA B 67 1.97 -10.96 12.44
C ALA B 67 1.15 -9.94 11.70
N ASN B 68 -0.12 -10.25 11.52
CA ASN B 68 -1.10 -9.39 10.89
C ASN B 68 -2.50 -10.01 10.93
N ASN B 69 -3.07 -10.16 12.12
CA ASN B 69 -4.41 -10.71 12.27
C ASN B 69 -4.51 -12.07 11.55
N ILE B 70 -3.48 -12.90 11.76
CA ILE B 70 -3.34 -14.17 11.02
C ILE B 70 -4.08 -15.33 11.68
N SER B 71 -4.96 -15.95 10.91
CA SER B 71 -5.73 -17.09 11.33
C SER B 71 -4.94 -18.38 11.15
N TYR B 72 -5.41 -19.43 11.82
CA TYR B 72 -4.92 -20.78 11.62
C TYR B 72 -5.59 -21.37 10.38
N THR B 73 -4.76 -21.97 9.51
CA THR B 73 -5.26 -22.94 8.51
C THR B 73 -4.29 -24.09 8.49
N LYS B 74 -4.81 -25.27 8.16
CA LYS B 74 -3.96 -26.43 8.01
C LYS B 74 -2.89 -26.18 6.96
N GLU B 75 -3.26 -25.54 5.85
CA GLU B 75 -2.33 -25.25 4.78
C GLU B 75 -1.18 -24.40 5.27
N ARG B 76 -1.46 -23.40 6.13
CA ARG B 76 -0.39 -22.64 6.70
C ARG B 76 0.47 -23.41 7.73
N ALA B 77 -0.19 -24.18 8.58
CA ALA B 77 0.50 -24.90 9.63
C ALA B 77 1.43 -25.98 9.04
N ASN B 78 1.15 -26.37 7.80
CA ASN B 78 2.05 -27.31 7.10
C ASN B 78 3.40 -26.71 6.83
N LYS B 79 3.52 -25.38 6.82
CA LYS B 79 4.71 -24.66 6.47
C LYS B 79 5.32 -23.82 7.57
N TYR B 80 4.45 -23.35 8.48
CA TYR B 80 4.85 -22.36 9.49
C TYR B 80 4.49 -22.84 10.88
N LEU B 81 5.30 -22.44 11.85
CA LEU B 81 4.97 -22.71 13.26
C LEU B 81 3.94 -21.67 13.70
N TYR B 82 3.05 -22.05 14.62
CA TYR B 82 2.05 -21.15 15.17
C TYR B 82 2.34 -20.92 16.66
N SER B 83 2.21 -19.65 17.11
CA SER B 83 2.19 -19.38 18.53
C SER B 83 0.88 -19.85 19.11
N ASN B 84 0.77 -19.79 20.43
CA ASN B 84 -0.55 -19.84 21.05
C ASN B 84 -1.33 -18.59 20.61
N PRO B 85 -2.64 -18.64 20.72
CA PRO B 85 -3.45 -17.55 20.17
C PRO B 85 -3.28 -16.29 20.97
N THR B 86 -3.47 -15.15 20.29
CA THR B 86 -3.34 -13.86 20.97
C THR B 86 -4.67 -13.14 21.08
N ALA B 87 -5.64 -13.49 20.28
CA ALA B 87 -6.98 -12.89 20.31
C ALA B 87 -7.99 -13.77 19.59
N SER B 88 -9.28 -13.46 19.84
CA SER B 88 -10.39 -14.13 19.27
C SER B 88 -11.23 -13.09 18.52
N ASN B 89 -11.40 -13.26 17.22
CA ASN B 89 -11.86 -12.21 16.30
C ASN B 89 -12.80 -12.81 15.28
N PRO B 90 -14.10 -12.86 15.61
CA PRO B 90 -15.10 -13.49 14.77
C PRO B 90 -15.37 -12.73 13.48
N LEU B 91 -16.00 -13.40 12.53
CA LEU B 91 -16.25 -12.79 11.21
C LEU B 91 -17.53 -12.05 11.20
N VAL B 92 -17.57 -11.04 10.33
CA VAL B 92 -18.79 -10.37 9.98
C VAL B 92 -18.93 -10.24 8.45
N LEU B 93 -20.16 -9.98 8.06
CA LEU B 93 -20.56 -9.66 6.69
C LEU B 93 -20.94 -8.19 6.68
N VAL B 94 -20.18 -7.40 5.92
CA VAL B 94 -20.38 -5.97 5.79
C VAL B 94 -21.18 -5.67 4.51
N VAL B 95 -22.33 -5.02 4.69
CA VAL B 95 -23.25 -4.72 3.61
C VAL B 95 -23.88 -3.34 3.82
N PRO B 96 -24.38 -2.76 2.72
CA PRO B 96 -25.20 -1.56 2.89
C PRO B 96 -26.37 -1.85 3.79
N LYS B 97 -26.75 -0.87 4.61
CA LYS B 97 -27.96 -1.00 5.42
C LYS B 97 -29.16 -1.35 4.56
N ASP B 98 -29.18 -0.82 3.35
CA ASP B 98 -30.32 -0.98 2.45
C ASP B 98 -30.36 -2.29 1.65
N SER B 99 -29.60 -3.31 2.04
CA SER B 99 -29.39 -4.49 1.21
C SER B 99 -30.26 -5.73 1.54
N ASP B 100 -30.60 -6.53 0.49
CA ASP B 100 -31.24 -7.88 0.52
C ASP B 100 -30.32 -8.93 1.18
N ILE B 101 -29.03 -8.61 1.42
CA ILE B 101 -28.08 -9.58 1.96
C ILE B 101 -28.19 -9.48 3.47
N LYS B 102 -28.87 -10.44 4.07
CA LYS B 102 -29.14 -10.43 5.51
C LYS B 102 -28.52 -11.60 6.23
N SER B 103 -28.17 -12.63 5.47
CA SER B 103 -27.55 -13.83 6.04
C SER B 103 -26.45 -14.30 5.11
N TYR B 104 -25.58 -15.18 5.59
CA TYR B 104 -24.49 -15.66 4.75
C TYR B 104 -24.94 -16.21 3.44
N ASN B 105 -26.02 -17.02 3.41
CA ASN B 105 -26.40 -17.61 2.13
C ASN B 105 -26.92 -16.62 1.07
N ASP B 106 -27.22 -15.42 1.53
CA ASP B 106 -27.68 -14.37 0.61
C ASP B 106 -26.57 -13.81 -0.24
N ILE B 107 -25.29 -14.11 0.05
CA ILE B 107 -24.22 -13.59 -0.80
C ILE B 107 -24.18 -14.19 -2.20
N ALA B 108 -24.87 -15.31 -2.40
CA ALA B 108 -24.89 -15.99 -3.69
C ALA B 108 -25.26 -15.01 -4.79
N GLY B 109 -24.47 -15.00 -5.87
CA GLY B 109 -24.73 -14.10 -6.98
C GLY B 109 -24.17 -12.68 -6.88
N HIS B 110 -23.69 -12.32 -5.70
N HIS B 110 -23.66 -12.32 -5.71
CA HIS B 110 -23.25 -10.95 -5.48
CA HIS B 110 -23.23 -10.97 -5.50
C HIS B 110 -21.74 -10.81 -5.61
C HIS B 110 -21.72 -10.82 -5.58
N SER B 111 -21.28 -9.56 -5.63
CA SER B 111 -19.89 -9.25 -5.89
C SER B 111 -19.16 -8.82 -4.63
N THR B 112 -17.88 -9.20 -4.58
CA THR B 112 -17.00 -8.81 -3.49
C THR B 112 -15.57 -8.68 -3.97
N GLN B 113 -14.76 -7.95 -3.21
CA GLN B 113 -13.32 -7.94 -3.39
C GLN B 113 -12.66 -8.86 -2.39
N VAL B 114 -11.58 -9.48 -2.83
CA VAL B 114 -10.77 -10.36 -1.99
C VAL B 114 -9.30 -10.15 -2.28
N VAL B 115 -8.46 -10.54 -1.33
CA VAL B 115 -7.03 -10.47 -1.52
C VAL B 115 -6.41 -11.84 -1.44
N GLN B 116 -5.64 -12.22 -2.46
CA GLN B 116 -5.07 -13.57 -2.57
C GLN B 116 -4.41 -14.00 -1.27
N GLY B 117 -4.66 -15.23 -0.86
CA GLY B 117 -4.01 -15.77 0.32
C GLY B 117 -4.73 -15.52 1.64
N ASN B 118 -5.72 -14.64 1.68
CA ASN B 118 -6.46 -14.44 2.91
C ASN B 118 -7.53 -15.51 3.05
N THR B 119 -7.91 -15.83 4.29
CA THR B 119 -8.74 -16.99 4.53
C THR B 119 -10.14 -16.87 3.94
N THR B 120 -10.58 -15.64 3.66
CA THR B 120 -11.90 -15.50 3.04
C THR B 120 -11.93 -16.01 1.60
N VAL B 121 -10.77 -16.16 0.96
CA VAL B 121 -10.76 -16.68 -0.40
C VAL B 121 -11.20 -18.13 -0.44
N PRO B 122 -10.44 -19.05 0.18
CA PRO B 122 -10.94 -20.42 0.14
C PRO B 122 -12.32 -20.56 0.77
N MET B 123 -12.68 -19.74 1.77
CA MET B 123 -14.05 -19.77 2.26
C MET B 123 -15.10 -19.53 1.18
N LEU B 124 -14.89 -18.53 0.37
CA LEU B 124 -15.85 -18.19 -0.67
C LEU B 124 -15.76 -19.19 -1.84
N GLN B 125 -14.58 -19.73 -2.08
CA GLN B 125 -14.43 -20.74 -3.14
C GLN B 125 -15.21 -21.96 -2.73
N LYS B 126 -15.15 -22.33 -1.45
CA LYS B 126 -15.98 -23.42 -0.93
C LYS B 126 -17.48 -23.14 -1.03
N PHE B 127 -17.89 -21.93 -0.67
CA PHE B 127 -19.26 -21.51 -0.87
C PHE B 127 -19.68 -21.70 -2.33
N ASN B 128 -18.83 -21.30 -3.26
CA ASN B 128 -19.20 -21.34 -4.67
C ASN B 128 -19.37 -22.76 -5.16
N LYS B 129 -18.57 -23.68 -4.64
CA LYS B 129 -18.74 -25.08 -4.99
C LYS B 129 -20.09 -25.59 -4.51
N ASN B 130 -20.62 -25.03 -3.43
CA ASN B 130 -21.95 -25.42 -2.91
C ASN B 130 -23.08 -24.58 -3.53
N HIS B 131 -22.73 -23.61 -4.38
CA HIS B 131 -23.74 -22.75 -5.02
C HIS B 131 -23.39 -22.53 -6.49
N GLU B 132 -23.19 -23.64 -7.21
CA GLU B 132 -22.55 -23.59 -8.51
C GLU B 132 -23.25 -22.73 -9.55
N ASN B 133 -24.57 -22.60 -9.47
CA ASN B 133 -25.28 -21.80 -10.45
C ASN B 133 -25.70 -20.41 -9.94
N ASN B 134 -25.22 -20.03 -8.76
CA ASN B 134 -25.42 -18.67 -8.27
C ASN B 134 -24.21 -18.24 -7.47
N GLN B 135 -23.06 -18.33 -8.11
CA GLN B 135 -21.78 -18.10 -7.43
C GLN B 135 -21.53 -16.66 -7.06
N VAL B 136 -20.73 -16.48 -6.02
CA VAL B 136 -20.21 -15.16 -5.69
C VAL B 136 -19.19 -14.76 -6.72
N LYS B 137 -19.20 -13.50 -7.11
CA LYS B 137 -18.25 -12.96 -8.07
C LYS B 137 -17.07 -12.40 -7.25
N LEU B 138 -15.94 -13.08 -7.31
CA LEU B 138 -14.73 -12.71 -6.59
C LEU B 138 -13.90 -11.78 -7.46
N ASN B 139 -13.57 -10.63 -6.91
CA ASN B 139 -12.74 -9.69 -7.60
C ASN B 139 -11.48 -9.52 -6.81
N PHE B 140 -10.40 -10.08 -7.33
CA PHE B 140 -9.13 -10.01 -6.66
C PHE B 140 -8.56 -8.60 -6.74
N THR B 141 -8.14 -8.08 -5.60
CA THR B 141 -7.61 -6.73 -5.54
C THR B 141 -6.25 -6.69 -4.86
N SER B 142 -5.53 -5.62 -5.14
CA SER B 142 -4.30 -5.34 -4.46
C SER B 142 -4.51 -4.29 -3.37
N GLU B 143 -5.71 -3.74 -3.28
CA GLU B 143 -5.92 -2.63 -2.35
C GLU B 143 -6.31 -3.06 -0.92
N ASP B 144 -6.24 -2.10 -0.01
CA ASP B 144 -6.30 -2.39 1.39
C ASP B 144 -7.74 -2.51 1.90
N LEU B 145 -7.86 -2.99 3.14
CA LEU B 145 -9.17 -3.28 3.66
C LEU B 145 -10.11 -2.07 3.72
N ALA B 146 -9.61 -0.95 4.22
CA ALA B 146 -10.40 0.27 4.31
C ALA B 146 -10.91 0.65 2.91
N HIS B 147 -10.07 0.44 1.92
CA HIS B 147 -10.38 0.83 0.53
C HIS B 147 -11.52 -0.03 0.05
N GLN B 148 -11.44 -1.33 0.35
CA GLN B 148 -12.53 -2.25 0.02
C GLN B 148 -13.82 -1.97 0.76
N ILE B 149 -13.74 -1.64 2.05
CA ILE B 149 -14.92 -1.33 2.80
C ILE B 149 -15.59 -0.04 2.31
N ARG B 150 -14.79 0.96 2.00
N ARG B 150 -14.79 0.96 1.98
CA ARG B 150 -15.32 2.17 1.38
CA ARG B 150 -15.32 2.17 1.38
C ARG B 150 -15.98 1.87 0.04
C ARG B 150 -15.98 1.87 0.04
N ASN B 151 -15.40 0.95 -0.72
CA ASN B 151 -15.97 0.56 -2.03
C ASN B 151 -17.36 -0.03 -1.84
N VAL B 152 -17.59 -0.77 -0.76
CA VAL B 152 -18.95 -1.29 -0.51
C VAL B 152 -19.86 -0.12 -0.16
N SER B 153 -19.37 0.80 0.66
CA SER B 153 -20.19 1.95 1.04
C SER B 153 -20.58 2.76 -0.23
N ASP B 154 -19.65 2.81 -1.19
CA ASP B 154 -19.82 3.60 -2.41
C ASP B 154 -20.52 2.82 -3.50
N GLY B 155 -20.89 1.56 -3.22
CA GLY B 155 -21.67 0.76 -4.13
C GLY B 155 -20.90 0.08 -5.23
N LYS B 156 -19.57 0.13 -5.19
CA LYS B 156 -18.77 -0.49 -6.22
C LYS B 156 -18.86 -2.02 -6.15
N TYR B 157 -19.01 -2.57 -4.94
CA TYR B 157 -19.11 -4.03 -4.72
C TYR B 157 -20.20 -4.22 -3.68
N ASP B 158 -20.77 -5.43 -3.61
CA ASP B 158 -22.01 -5.65 -2.90
C ASP B 158 -21.81 -5.97 -1.40
N PHE B 159 -20.68 -6.56 -1.04
CA PHE B 159 -20.44 -6.90 0.35
C PHE B 159 -18.96 -7.14 0.57
N LYS B 160 -18.58 -7.21 1.83
CA LYS B 160 -17.22 -7.64 2.22
C LYS B 160 -17.29 -8.46 3.50
N ILE B 161 -16.69 -9.63 3.49
CA ILE B 161 -16.53 -10.43 4.71
C ILE B 161 -15.15 -10.18 5.29
N PHE B 162 -15.12 -9.92 6.60
CA PHE B 162 -13.85 -9.76 7.25
C PHE B 162 -14.02 -9.93 8.75
N GLU B 163 -12.92 -9.97 9.47
CA GLU B 163 -12.98 -9.95 10.93
C GLU B 163 -13.73 -8.71 11.47
N LYS B 164 -14.51 -8.96 12.53
CA LYS B 164 -15.33 -7.97 13.20
C LYS B 164 -14.55 -6.79 13.70
N ILE B 165 -13.42 -7.05 14.34
CA ILE B 165 -12.73 -5.96 15.05
C ILE B 165 -12.27 -4.89 14.05
N SER B 166 -11.70 -5.29 12.93
CA SER B 166 -11.28 -4.30 11.94
C SER B 166 -12.43 -3.70 11.16
N ALA B 167 -13.45 -4.51 10.85
CA ALA B 167 -14.57 -4.01 10.11
C ALA B 167 -15.24 -2.90 10.88
N GLU B 168 -15.50 -3.14 12.17
CA GLU B 168 -16.20 -2.17 12.99
C GLU B 168 -15.31 -0.95 13.26
N THR B 169 -14.02 -1.16 13.48
CA THR B 169 -13.12 -0.06 13.69
C THR B 169 -13.11 0.89 12.48
N ILE B 170 -13.04 0.32 11.30
CA ILE B 170 -12.88 1.15 10.09
C ILE B 170 -14.18 1.85 9.79
N ILE B 171 -15.28 1.14 9.96
CA ILE B 171 -16.58 1.73 9.73
C ILE B 171 -16.81 2.93 10.66
N LYS B 172 -16.50 2.79 11.95
CA LYS B 172 -16.65 3.87 12.91
C LYS B 172 -15.72 5.01 12.59
N GLU B 173 -14.44 4.72 12.44
CA GLU B 173 -13.42 5.76 12.27
C GLU B 173 -13.54 6.53 10.94
N GLN B 174 -14.07 5.88 9.91
CA GLN B 174 -14.20 6.52 8.59
C GLN B 174 -15.64 7.06 8.36
N GLY B 175 -16.47 6.94 9.37
CA GLY B 175 -17.83 7.44 9.33
C GLY B 175 -18.66 6.85 8.23
N LEU B 176 -18.47 5.56 7.95
CA LEU B 176 -19.24 4.91 6.91
C LEU B 176 -20.62 4.46 7.39
N ASP B 177 -21.49 5.46 7.57
CA ASP B 177 -22.77 5.34 8.24
C ASP B 177 -23.83 4.60 7.46
N ASN B 178 -23.57 4.30 6.20
CA ASN B 178 -24.56 3.55 5.46
C ASN B 178 -24.29 2.07 5.42
N LEU B 179 -23.31 1.62 6.20
CA LEU B 179 -23.00 0.20 6.30
C LEU B 179 -23.51 -0.41 7.58
N LYS B 180 -23.82 -1.68 7.50
CA LYS B 180 -24.06 -2.44 8.69
C LYS B 180 -23.26 -3.71 8.64
N VAL B 181 -23.19 -4.31 9.80
CA VAL B 181 -22.37 -5.49 9.98
CA VAL B 181 -22.35 -5.45 10.03
C VAL B 181 -23.21 -6.60 10.55
N ILE B 182 -23.09 -7.76 9.94
CA ILE B 182 -23.87 -8.93 10.31
C ILE B 182 -22.92 -10.00 10.84
N ASP B 183 -23.20 -10.48 12.06
CA ASP B 183 -22.32 -11.48 12.64
C ASP B 183 -22.43 -12.76 11.90
N LEU B 184 -21.28 -13.39 11.69
CA LEU B 184 -21.26 -14.71 11.05
C LEU B 184 -20.79 -15.72 12.12
N PRO B 185 -21.58 -16.76 12.32
CA PRO B 185 -21.10 -17.80 13.24
C PRO B 185 -19.94 -18.59 12.62
N SER B 186 -18.97 -19.03 13.41
CA SER B 186 -17.90 -19.85 12.86
C SER B 186 -17.87 -21.23 13.52
N ASP B 187 -17.41 -22.23 12.80
CA ASP B 187 -17.31 -23.57 13.37
C ASP B 187 -16.23 -23.61 14.44
N GLN B 188 -15.05 -23.09 14.10
CA GLN B 188 -13.87 -23.11 14.96
C GLN B 188 -13.71 -21.76 15.73
N LYS B 189 -13.06 -21.81 16.90
CA LYS B 189 -12.75 -20.58 17.63
C LYS B 189 -11.94 -19.71 16.67
N PRO B 190 -12.40 -18.47 16.46
CA PRO B 190 -11.76 -17.60 15.46
C PRO B 190 -10.50 -16.87 15.95
N TYR B 191 -9.50 -17.65 16.32
CA TYR B 191 -8.32 -17.13 16.91
C TYR B 191 -7.39 -16.55 15.84
N VAL B 192 -6.55 -15.64 16.30
CA VAL B 192 -5.43 -15.16 15.52
C VAL B 192 -4.12 -15.33 16.32
N TYR B 193 -3.00 -15.34 15.60
CA TYR B 193 -1.74 -15.90 16.08
C TYR B 193 -0.54 -15.22 15.48
N PHE B 194 0.61 -15.34 16.14
CA PHE B 194 1.87 -15.12 15.43
C PHE B 194 2.20 -16.42 14.71
N ILE B 195 2.88 -16.30 13.57
CA ILE B 195 3.51 -17.43 12.89
C ILE B 195 5.00 -17.24 12.78
N PHE B 196 5.70 -18.37 12.58
CA PHE B 196 7.17 -18.36 12.56
C PHE B 196 7.73 -19.22 11.44
N ALA B 197 8.92 -18.85 10.97
CA ALA B 197 9.67 -19.75 10.07
C ALA B 197 9.83 -21.09 10.77
N GLN B 198 9.87 -22.15 9.97
CA GLN B 198 9.77 -23.51 10.48
C GLN B 198 10.91 -23.93 11.36
N ASP B 199 12.08 -23.34 11.16
CA ASP B 199 13.25 -23.66 11.98
C ASP B 199 13.35 -22.82 13.25
N GLN B 200 12.30 -22.03 13.56
CA GLN B 200 12.34 -21.20 14.76
C GLN B 200 11.60 -21.76 15.98
N LYS B 201 11.82 -23.03 16.31
CA LYS B 201 11.18 -23.63 17.49
C LYS B 201 11.51 -22.91 18.79
N ASP B 202 12.78 -22.53 18.98
CA ASP B 202 13.12 -21.91 20.25
C ASP B 202 12.42 -20.57 20.41
N LEU B 203 12.27 -19.85 19.31
CA LEU B 203 11.64 -18.55 19.34
C LEU B 203 10.14 -18.72 19.64
N GLN B 204 9.55 -19.73 19.00
CA GLN B 204 8.16 -20.06 19.25
C GLN B 204 7.89 -20.37 20.74
N LYS B 205 8.75 -21.20 21.32
CA LYS B 205 8.68 -21.56 22.74
C LYS B 205 8.78 -20.28 23.61
N PHE B 206 9.75 -19.42 23.30
CA PHE B 206 9.88 -18.18 24.05
C PHE B 206 8.62 -17.32 23.97
N VAL B 207 8.09 -17.13 22.76
CA VAL B 207 6.92 -16.29 22.62
C VAL B 207 5.77 -16.90 23.42
N ASN B 208 5.58 -18.21 23.34
CA ASN B 208 4.50 -18.85 24.07
C ASN B 208 4.62 -18.65 25.56
N LYS B 209 5.83 -18.77 26.12
CA LYS B 209 6.02 -18.56 27.52
C LYS B 209 5.61 -17.15 27.90
N ARG B 210 6.07 -16.17 27.13
CA ARG B 210 5.76 -14.77 27.41
C ARG B 210 4.28 -14.48 27.27
N LEU B 211 3.60 -15.06 26.26
CA LEU B 211 2.17 -14.84 26.10
C LEU B 211 1.38 -15.33 27.30
N LYS B 212 1.78 -16.47 27.87
CA LYS B 212 1.12 -17.00 29.06
C LYS B 212 1.29 -16.05 30.22
N LYS B 213 2.52 -15.59 30.42
CA LYS B 213 2.81 -14.63 31.47
C LYS B 213 2.00 -13.32 31.29
N LEU B 214 1.95 -12.80 30.07
CA LEU B 214 1.26 -11.53 29.82
C LEU B 214 -0.27 -11.67 29.95
N TYR B 215 -0.76 -12.85 29.67
CA TYR B 215 -2.16 -13.13 29.85
C TYR B 215 -2.43 -13.08 31.36
N GLU B 216 -1.61 -13.82 32.09
CA GLU B 216 -1.82 -13.95 33.54
C GLU B 216 -1.67 -12.64 34.31
N ASN B 217 -0.82 -11.74 33.85
CA ASN B 217 -0.59 -10.51 34.61
C ASN B 217 -1.46 -9.33 34.21
N GLY B 218 -2.40 -9.56 33.29
CA GLY B 218 -3.30 -8.55 32.83
C GLY B 218 -2.81 -7.70 31.68
N THR B 219 -1.59 -7.94 31.19
CA THR B 219 -1.07 -7.14 30.09
C THR B 219 -1.83 -7.35 28.81
N LEU B 220 -2.11 -8.61 28.46
CA LEU B 220 -2.79 -8.88 27.20
C LEU B 220 -4.17 -8.22 27.19
N GLU B 221 -4.86 -8.31 28.33
CA GLU B 221 -6.17 -7.67 28.48
C GLU B 221 -6.08 -6.17 28.29
N LYS B 222 -5.04 -5.57 28.88
CA LYS B 222 -4.81 -4.13 28.75
C LYS B 222 -4.61 -3.76 27.28
N LEU B 223 -3.81 -4.55 26.56
CA LEU B 223 -3.59 -4.25 25.17
C LEU B 223 -4.83 -4.54 24.30
N SER B 224 -5.61 -5.57 24.65
CA SER B 224 -6.80 -5.92 23.91
C SER B 224 -7.76 -4.72 24.05
N LYS B 225 -7.90 -4.21 25.27
CA LYS B 225 -8.86 -3.12 25.44
C LYS B 225 -8.39 -1.88 24.70
N LYS B 226 -7.10 -1.60 24.81
CA LYS B 226 -6.54 -0.35 24.26
C LYS B 226 -6.63 -0.30 22.73
N TYR B 227 -6.21 -1.37 22.07
CA TYR B 227 -6.20 -1.43 20.60
C TYR B 227 -7.44 -2.04 19.97
N LEU B 228 -7.93 -3.11 20.55
CA LEU B 228 -9.04 -3.82 19.95
C LEU B 228 -10.41 -3.29 20.33
N GLY B 229 -10.46 -2.45 21.36
CA GLY B 229 -11.72 -1.86 21.75
C GLY B 229 -12.60 -2.69 22.66
N GLY B 230 -12.05 -3.74 23.24
CA GLY B 230 -12.78 -4.59 24.14
C GLY B 230 -11.88 -5.74 24.56
N SER B 231 -12.48 -6.68 25.26
CA SER B 231 -11.76 -7.83 25.77
C SER B 231 -11.98 -8.97 24.79
N TYR B 232 -10.96 -9.28 23.99
CA TYR B 232 -11.04 -10.30 22.97
C TYR B 232 -9.98 -11.37 23.16
N LEU B 233 -9.68 -11.73 24.41
CA LEU B 233 -8.64 -12.73 24.63
C LEU B 233 -9.11 -14.13 24.27
N PRO B 234 -8.15 -15.00 23.90
CA PRO B 234 -8.47 -16.42 23.79
C PRO B 234 -8.79 -16.99 25.15
N ASP B 235 -9.34 -18.19 25.16
CA ASP B 235 -9.57 -18.86 26.44
C ASP B 235 -8.26 -19.24 27.07
N LYS B 236 -8.13 -19.05 28.38
CA LYS B 236 -6.87 -19.25 29.07
C LYS B 236 -6.29 -20.64 28.86
N LYS B 237 -7.14 -21.65 28.83
CA LYS B 237 -6.67 -23.02 28.67
C LYS B 237 -5.91 -23.22 27.36
N ASP B 238 -6.12 -22.34 26.38
CA ASP B 238 -5.48 -22.51 25.09
C ASP B 238 -4.11 -21.79 25.08
N MET B 239 -3.68 -21.26 26.26
CA MET B 239 -2.39 -20.65 26.40
C MET B 239 -1.38 -21.57 27.05
N LYS B 240 -1.79 -22.82 27.33
CA LYS B 240 -0.89 -23.83 27.93
C LYS B 240 0.41 -24.02 27.13
CD1 GDS C . 5.52 -0.10 -4.54
N2 GDS C . 5.89 0.99 -3.64
CA2 GDS C . 4.94 2.03 -3.54
C2 GDS C . 3.80 1.90 -2.58
O2 GDS C . 2.75 2.55 -2.75
CB2 GDS C . 4.96 3.28 -4.34
SG2 GDS C . 6.43 3.44 -5.34
N3 GDS C . 3.98 0.99 -1.47
CA3 GDS C . 2.87 0.75 -0.55
C3 GDS C . 2.37 -0.64 -0.94
OE3 GDS C . 1.95 -1.46 -0.08
OE4 GDS C . 2.37 -1.02 -2.15
N4 GDS C . 8.05 6.14 -6.16
CA4 GDS C . 8.79 6.22 -4.93
C4 GDS C . 10.15 5.65 -5.11
OE5 GDS C . 10.68 5.54 -6.27
OE6 GDS C . 10.79 5.33 -4.07
C5 GDS C . 6.67 6.56 -6.15
O5 GDS C . 6.19 7.03 -5.13
CA5 GDS C . 5.97 6.30 -7.41
N5 GDS C . 6.66 6.45 -8.63
CB5 GDS C . 4.96 5.20 -7.32
SG5 GDS C . 5.83 3.61 -7.27
CA6 GDS C . 9.92 8.34 -11.47
C6 GDS C . 9.67 7.29 -12.54
OE7 GDS C . 10.10 6.12 -12.35
OE8 GDS C . 9.03 7.57 -13.58
N6 GDS C . 9.53 9.65 -12.04
CB6 GDS C . 9.19 8.03 -10.22
CG6 GDS C . 7.74 7.59 -10.57
CD6 GDS C . 6.95 7.65 -9.29
O6 GDS C . 6.49 8.68 -8.76
HN2 GDS C . 6.68 1.00 -3.16
HA2 GDS C . 5.48 2.49 -2.87
HB21 GDS C . 4.19 3.27 -4.94
HB22 GDS C . 4.90 4.05 -3.75
HN3 GDS C . 4.75 0.50 -1.38
HA31 GDS C . 2.16 1.42 -0.67
HA32 GDS C . 3.18 0.75 0.38
HA41 GDS C . 8.33 5.71 -4.24
HA42 GDS C . 8.87 7.15 -4.65
HA5 GDS C . 5.42 7.07 -7.48
HN5 GDS C . 7.00 5.70 -9.00
HB51 GDS C . 4.43 5.31 -6.50
HB52 GDS C . 4.37 5.23 -8.09
HA6 GDS C . 10.88 8.33 -11.27
HN61 GDS C . 9.94 9.77 -12.85
HN62 GDS C . 9.79 10.31 -11.47
HB61 GDS C . 9.63 7.30 -9.74
HB62 GDS C . 9.15 8.82 -9.65
CD CD D . -19.74 10.25 -21.08
CD CD E . -21.30 9.99 -24.45
CD CD F . 27.43 9.99 6.06
CD CD G . 4.75 4.57 6.83
CD CD H . 1.37 -3.07 -2.34
CD CD I . 2.78 5.82 3.73
CD CD J . 35.18 -4.40 -11.06
CD CD K . -11.46 1.27 -7.59
CD CD L . 9.76 8.80 12.75
CD CD M . 24.74 5.05 7.08
CD CD N . 22.63 10.88 -14.66
CD CD O . -7.73 5.95 -35.33
CD CD P . -1.72 0.18 -3.38
CD CD Q . 29.54 11.41 -11.22
CD CD R . 2.78 -1.94 2.04
CD CD S . 2.09 32.20 -15.32
CD CD T . -2.05 27.42 -30.80
CD CD U . -6.82 -2.37 -26.59
CL CL V . -21.09 11.69 -22.61
CL CL W . -20.09 11.67 -19.01
CL CL X . -6.00 3.25 -0.14
CL CL Y . 25.22 9.36 7.00
CL CL Z . 3.44 3.68 5.37
CD CD AA . 23.71 21.37 8.44
CD CD BA . 31.81 -3.45 -13.10
CD CD CA . 17.23 3.82 -19.91
CD CD DA . 0.52 31.04 -25.71
CG1 GDS EA . -2.57 -7.43 -2.00
CD1 GDS EA . -2.57 -6.65 -0.69
O1 GDS EA . -1.53 -6.57 -0.05
N2 GDS EA . -3.73 -6.00 -0.10
CA2 GDS EA . -3.44 -5.32 1.12
C2 GDS EA . -2.90 -3.92 1.04
O2 GDS EA . -2.35 -3.37 2.00
CB2 GDS EA . -3.54 -5.90 2.48
SG2 GDS EA . -4.54 -7.33 2.51
N3 GDS EA . -2.97 -3.26 -0.24
CA3 GDS EA . -2.39 -1.95 -0.48
C3 GDS EA . -1.13 -2.25 -1.31
OE3 GDS EA . -0.68 -1.42 -2.19
OE4 GDS EA . -0.49 -3.33 -1.14
N4 GDS EA . -6.80 -8.41 4.53
CA4 GDS EA . -7.94 -7.73 3.90
C4 GDS EA . -8.66 -8.69 3.03
OE5 GDS EA . -8.60 -9.94 3.25
OE6 GDS EA . -9.35 -8.22 2.08
C5 GDS EA . -5.98 -7.67 5.42
O5 GDS EA . -6.22 -6.45 5.66
CA5 GDS EA . -4.84 -8.43 5.92
N5 GDS EA . -5.01 -9.76 6.27
CB5 GDS EA . -3.51 -8.07 5.35
SG5 GDS EA . -3.48 -8.66 3.64
CA6 GDS EA . -7.41 -13.49 7.85
C6 GDS EA . -6.32 -14.45 7.42
OE7 GDS EA . -6.15 -14.65 6.18
OE8 GDS EA . -5.54 -14.94 8.29
N6 GDS EA . -7.51 -13.54 9.33
CB6 GDS EA . -7.10 -12.11 7.33
CG6 GDS EA . -5.66 -11.72 7.67
CD6 GDS EA . -5.51 -10.22 7.50
O6 GDS EA . -5.82 -9.40 8.36
HG11 GDS EA . -2.45 -6.82 -2.75
HG12 GDS EA . -3.41 -7.91 -2.10
HN2 GDS EA . -4.56 -5.99 -0.50
HA2 GDS EA . -4.36 -5.01 1.21
HB21 GDS EA . -3.92 -5.24 3.08
HB22 GDS EA . -2.65 -6.14 2.80
HN3 GDS EA . -3.34 -3.72 -0.94
HA31 GDS EA . -3.00 -1.38 -0.98
HA32 GDS EA . -2.14 -1.53 0.37
HA41 GDS EA . -8.55 -7.41 4.60
HA42 GDS EA . -7.63 -6.98 3.36
HA5 GDS EA . -4.76 -8.08 6.80
HN5 GDS EA . -4.80 -10.38 5.66
HB51 GDS EA . -2.79 -8.51 5.86
HB52 GDS EA . -3.37 -7.11 5.36
HA6 GDS EA . -8.24 -13.78 7.44
HN61 GDS EA . -7.63 -14.40 9.60
HN62 GDS EA . -8.22 -13.03 9.60
HB61 GDS EA . -7.71 -11.46 7.75
HB62 GDS EA . -7.21 -12.08 6.37
CD CD FA . -32.27 -13.96 2.67
CD CD GA . -8.32 4.12 -0.56
CD CD HA . -6.29 2.68 2.41
CD CD IA . -24.30 -6.22 -7.45
CD CD JA . -32.22 -1.67 5.70
CD CD KA . 11.23 -0.39 8.06
CD CD LA . 4.29 0.88 21.26
CD CD MA . 17.12 -19.25 10.42
CD CD NA . -16.15 -21.00 -9.45
CD CD OA . -16.58 7.04 -0.72
CD CD PA . -0.68 -19.59 36.32
CD CD QA . -7.82 -25.54 4.74
CL CL RA . -8.65 3.59 1.99
CD CD SA . -29.61 -10.17 -3.30
CD CD TA . -28.77 -8.13 -3.96
CD CD UA . -22.03 -18.59 -14.08
CD CD VA . 21.92 -18.04 25.72
CD CD WA . 11.06 1.30 16.14
CD CD XA . -14.58 11.39 8.10
#